data_1M7Y
#
_entry.id   1M7Y
#
_cell.length_a   103.31
_cell.length_b   61.14
_cell.length_c   77.14
_cell.angle_alpha   90.00
_cell.angle_beta   123.36
_cell.angle_gamma   90.00
#
_symmetry.space_group_name_H-M   'C 1 2 1'
#
loop_
_entity.id
_entity.type
_entity.pdbx_description
1 polymer '1-aminocyclopropane-1-carboxylate synthase'
2 non-polymer '(2E,3E)-4-(2-aminoethoxy)-2-[({3-hydroxy-2-methyl-5-[(phosphonooxy)methyl]pyridin-4-yl}methyl)imino]but-3-enoic acid'
3 non-polymer (4R)-2-METHYLPENTANE-2,4-DIOL
4 water water
#
_entity_poly.entity_id   1
_entity_poly.type   'polypeptide(L)'
_entity_poly.pdbx_seq_one_letter_code
;MRMLSRNATFNSHGQDSSYFLGWQEYEKNPYHEVHNTNGIIQMGLAENQLCFDLLESWLAKNPEAAAFKKNGESIFAELA
LFQDYHGLPAFKKAMVDFMAEIRGNKVTFDPNHLVLTAGATSANETFIFCLADPGEAVLIPTPYYPGFDRDLKWRTGVEI
VPIHCTSSNGFQITETALEEAYQEAEKRNLRVKGVLVTNPSNPLGTTMTRNELYLLLSFVEDKGIHLISDEIYSGTAFSS
PSFISVMEVLKDRNCDENSEVWQRVHVVYSLSKDLGLPGFRVGAIYSNDDMVVAAATKMSSFGLVSSQTQHLLSAMLSDK
KLTKNYIAENHKRLKQRQKKLVSGLQKSGISCLNGNAGLFCWVDMRHLLRSNTFEAEMELWKKIVYEVHLNISPGSSCHC
TEPGWFRVCFANLPERTLDLAMQRLKAFVGEYYNV
;
_entity_poly.pdbx_strand_id   A
#
# COMPACT_ATOMS: atom_id res chain seq x y z
N MET A 3 -21.85 4.63 30.69
CA MET A 3 -21.49 5.56 29.58
C MET A 3 -20.39 4.94 28.73
N LEU A 4 -20.78 4.34 27.61
CA LEU A 4 -19.83 3.70 26.70
C LEU A 4 -18.87 4.76 26.16
N SER A 5 -17.60 4.38 25.99
CA SER A 5 -16.59 5.29 25.50
C SER A 5 -16.91 5.90 24.13
N ARG A 6 -16.00 6.73 23.64
CA ARG A 6 -16.17 7.40 22.35
C ARG A 6 -15.57 6.62 21.19
N ASN A 7 -14.33 6.18 21.34
CA ASN A 7 -13.65 5.41 20.29
C ASN A 7 -14.39 4.13 19.94
N ALA A 8 -15.04 3.52 20.93
CA ALA A 8 -15.78 2.29 20.71
C ALA A 8 -17.09 2.60 20.00
N THR A 9 -17.36 3.89 19.81
CA THR A 9 -18.58 4.33 19.15
C THR A 9 -18.26 5.31 18.01
N SER A 17 -17.19 5.44 2.16
CA SER A 17 -17.28 4.16 2.84
C SER A 17 -17.74 3.07 1.88
N SER A 18 -17.83 3.41 0.60
CA SER A 18 -18.24 2.45 -0.42
C SER A 18 -17.23 1.32 -0.49
N TYR A 19 -15.98 1.64 -0.19
CA TYR A 19 -14.90 0.65 -0.20
C TYR A 19 -15.24 -0.54 0.69
N PHE A 20 -15.80 -0.27 1.86
CA PHE A 20 -16.18 -1.32 2.79
C PHE A 20 -17.58 -1.85 2.44
N LEU A 21 -18.38 -1.00 1.80
CA LEU A 21 -19.73 -1.37 1.40
C LEU A 21 -19.70 -2.43 0.31
N GLY A 22 -19.04 -2.11 -0.80
CA GLY A 22 -18.93 -3.05 -1.91
C GLY A 22 -18.33 -4.36 -1.47
N TRP A 23 -17.40 -4.30 -0.52
CA TRP A 23 -16.74 -5.48 -0.01
C TRP A 23 -17.76 -6.40 0.66
N GLN A 24 -18.64 -5.82 1.46
CA GLN A 24 -19.68 -6.58 2.15
C GLN A 24 -20.70 -7.16 1.18
N GLU A 25 -21.00 -6.40 0.13
CA GLU A 25 -21.95 -6.84 -0.88
C GLU A 25 -21.44 -8.10 -1.59
N TYR A 26 -20.12 -8.19 -1.70
CA TYR A 26 -19.48 -9.35 -2.34
C TYR A 26 -19.68 -10.57 -1.47
N GLU A 27 -19.50 -10.40 -0.16
CA GLU A 27 -19.65 -11.48 0.81
C GLU A 27 -21.04 -12.12 0.71
N LYS A 28 -22.05 -11.28 0.51
CA LYS A 28 -23.42 -11.75 0.42
C LYS A 28 -23.67 -12.62 -0.80
N ASN A 29 -22.99 -12.33 -1.90
CA ASN A 29 -23.15 -13.10 -3.13
C ASN A 29 -21.85 -13.16 -3.93
N PRO A 30 -20.86 -13.92 -3.43
CA PRO A 30 -19.55 -14.07 -4.08
C PRO A 30 -19.59 -14.94 -5.34
N TYR A 31 -18.71 -14.63 -6.29
CA TYR A 31 -18.62 -15.37 -7.54
C TYR A 31 -17.93 -16.72 -7.37
N HIS A 32 -18.34 -17.69 -8.18
CA HIS A 32 -17.75 -19.02 -8.15
C HIS A 32 -17.93 -19.62 -9.54
N GLU A 33 -16.81 -19.94 -10.19
CA GLU A 33 -16.83 -20.49 -11.54
C GLU A 33 -17.53 -21.85 -11.68
N VAL A 34 -18.10 -22.34 -10.59
CA VAL A 34 -18.78 -23.64 -10.63
C VAL A 34 -20.14 -23.59 -9.92
N HIS A 35 -20.18 -22.98 -8.75
CA HIS A 35 -21.41 -22.90 -7.96
C HIS A 35 -22.22 -21.63 -8.19
N ASN A 36 -21.56 -20.49 -8.24
CA ASN A 36 -22.25 -19.23 -8.44
C ASN A 36 -21.56 -18.40 -9.53
N THR A 37 -21.62 -18.89 -10.76
CA THR A 37 -21.00 -18.24 -11.90
C THR A 37 -21.61 -16.88 -12.25
N ASN A 38 -22.68 -16.51 -11.57
CA ASN A 38 -23.33 -15.24 -11.84
C ASN A 38 -23.12 -14.26 -10.69
N GLY A 39 -22.36 -14.69 -9.69
CA GLY A 39 -22.11 -13.84 -8.54
C GLY A 39 -21.19 -12.67 -8.81
N ILE A 40 -20.97 -11.86 -7.78
CA ILE A 40 -20.14 -10.68 -7.87
C ILE A 40 -18.65 -11.04 -7.92
N ILE A 41 -17.94 -10.46 -8.88
CA ILE A 41 -16.51 -10.70 -9.03
C ILE A 41 -15.75 -9.66 -8.21
N GLN A 42 -14.83 -10.12 -7.39
CA GLN A 42 -14.04 -9.25 -6.51
C GLN A 42 -12.87 -8.56 -7.19
N MET A 43 -12.97 -7.24 -7.36
CA MET A 43 -11.91 -6.44 -7.96
C MET A 43 -11.76 -5.16 -7.14
N GLY A 44 -12.14 -5.22 -5.87
CA GLY A 44 -12.05 -4.05 -5.03
C GLY A 44 -11.04 -4.12 -3.90
N LEU A 45 -10.33 -5.24 -3.77
CA LEU A 45 -9.35 -5.42 -2.72
C LEU A 45 -7.96 -5.64 -3.30
N ALA A 46 -6.99 -4.85 -2.83
CA ALA A 46 -5.63 -4.94 -3.34
C ALA A 46 -4.82 -6.09 -2.77
N GLU A 47 -4.95 -7.27 -3.37
CA GLU A 47 -4.19 -8.42 -2.90
C GLU A 47 -3.50 -9.06 -4.11
N ASN A 48 -2.45 -9.83 -3.85
CA ASN A 48 -1.67 -10.46 -4.91
C ASN A 48 -1.66 -11.98 -4.82
N GLN A 49 -2.38 -12.64 -5.74
CA GLN A 49 -2.45 -14.10 -5.79
C GLN A 49 -1.71 -14.63 -7.01
N LEU A 50 -0.83 -13.82 -7.59
CA LEU A 50 -0.12 -14.22 -8.79
C LEU A 50 1.09 -15.14 -8.68
N CYS A 51 1.76 -15.15 -7.53
CA CYS A 51 2.97 -15.93 -7.39
C CYS A 51 3.09 -16.96 -6.27
N PHE A 52 1.98 -17.45 -5.75
CA PHE A 52 2.07 -18.42 -4.66
C PHE A 52 2.81 -19.69 -5.04
N ASP A 53 2.75 -20.07 -6.31
CA ASP A 53 3.45 -21.29 -6.73
C ASP A 53 4.94 -21.19 -6.47
N LEU A 54 5.49 -19.98 -6.58
CA LEU A 54 6.92 -19.80 -6.33
C LEU A 54 7.26 -20.04 -4.87
N LEU A 55 6.39 -19.60 -3.96
CA LEU A 55 6.63 -19.79 -2.54
C LEU A 55 6.35 -21.23 -2.14
N GLU A 56 5.28 -21.80 -2.68
CA GLU A 56 4.93 -23.19 -2.39
C GLU A 56 6.08 -24.10 -2.83
N SER A 57 6.69 -23.77 -3.96
CA SER A 57 7.80 -24.57 -4.47
C SER A 57 8.98 -24.49 -3.51
N TRP A 58 9.29 -23.29 -3.04
CA TRP A 58 10.39 -23.12 -2.10
C TRP A 58 10.17 -23.90 -0.82
N LEU A 59 8.94 -23.87 -0.30
CA LEU A 59 8.62 -24.59 0.92
C LEU A 59 8.75 -26.10 0.77
N ALA A 60 8.45 -26.60 -0.43
CA ALA A 60 8.54 -28.02 -0.70
C ALA A 60 10.00 -28.47 -0.71
N LYS A 61 10.88 -27.59 -1.15
CA LYS A 61 12.31 -27.90 -1.23
C LYS A 61 13.08 -27.60 0.07
N ASN A 62 12.53 -26.72 0.90
CA ASN A 62 13.15 -26.34 2.16
C ASN A 62 12.14 -26.44 3.30
N PRO A 63 11.76 -27.67 3.67
CA PRO A 63 10.78 -27.93 4.74
C PRO A 63 11.19 -27.67 6.19
N GLU A 64 12.48 -27.47 6.45
CA GLU A 64 12.94 -27.23 7.82
C GLU A 64 12.41 -26.02 8.58
N ALA A 65 12.42 -24.85 7.94
CA ALA A 65 11.95 -23.63 8.60
C ALA A 65 10.55 -23.78 9.19
N ALA A 66 9.61 -24.26 8.37
CA ALA A 66 8.24 -24.44 8.81
C ALA A 66 8.13 -25.55 9.85
N ALA A 67 9.16 -26.39 9.94
CA ALA A 67 9.14 -27.49 10.91
C ALA A 67 9.79 -27.15 12.25
N PHE A 68 10.12 -25.88 12.45
CA PHE A 68 10.74 -25.43 13.69
C PHE A 68 12.11 -26.11 13.82
N LYS A 69 12.83 -26.19 12.71
CA LYS A 69 14.14 -26.81 12.70
C LYS A 69 15.18 -25.86 12.13
N LYS A 70 16.37 -25.89 12.72
CA LYS A 70 17.48 -25.04 12.29
C LYS A 70 18.74 -25.90 12.34
N ASN A 71 19.36 -26.09 11.18
CA ASN A 71 20.57 -26.91 11.10
C ASN A 71 20.26 -28.32 11.61
N GLY A 72 19.07 -28.81 11.30
CA GLY A 72 18.67 -30.14 11.73
C GLY A 72 18.32 -30.23 13.20
N GLU A 73 18.34 -29.09 13.89
CA GLU A 73 18.02 -29.05 15.31
C GLU A 73 16.69 -28.35 15.56
N SER A 74 15.90 -28.90 16.48
CA SER A 74 14.61 -28.30 16.82
C SER A 74 14.82 -27.06 17.66
N ILE A 75 14.15 -25.97 17.28
CA ILE A 75 14.25 -24.73 18.05
C ILE A 75 12.84 -24.24 18.39
N PHE A 76 11.89 -25.16 18.46
CA PHE A 76 10.51 -24.79 18.80
C PHE A 76 10.45 -24.03 20.11
N ALA A 77 11.05 -24.59 21.15
CA ALA A 77 11.04 -23.95 22.47
C ALA A 77 11.64 -22.56 22.43
N GLU A 78 12.79 -22.42 21.75
CA GLU A 78 13.45 -21.13 21.65
C GLU A 78 12.56 -20.10 20.96
N LEU A 79 11.90 -20.51 19.88
CA LEU A 79 11.01 -19.59 19.17
C LEU A 79 9.75 -19.31 19.97
N ALA A 80 9.22 -20.33 20.63
CA ALA A 80 8.01 -20.17 21.44
C ALA A 80 8.24 -19.10 22.49
N LEU A 81 9.46 -19.04 23.00
CA LEU A 81 9.80 -18.06 24.03
C LEU A 81 10.29 -16.72 23.50
N PHE A 82 10.56 -16.64 22.20
CA PHE A 82 11.06 -15.38 21.64
C PHE A 82 9.99 -14.31 21.46
N GLN A 83 10.02 -13.30 22.32
CA GLN A 83 9.05 -12.22 22.28
C GLN A 83 9.70 -10.84 22.38
N ASP A 84 11.00 -10.80 22.12
CA ASP A 84 11.78 -9.57 22.18
C ASP A 84 11.24 -8.54 21.19
N TYR A 85 10.96 -7.32 21.65
CA TYR A 85 10.41 -6.32 20.74
C TYR A 85 11.40 -5.74 19.74
N HIS A 86 12.65 -6.22 19.76
CA HIS A 86 13.63 -5.76 18.78
C HIS A 86 13.53 -6.66 17.56
N GLY A 87 12.77 -7.75 17.70
CA GLY A 87 12.59 -8.68 16.60
C GLY A 87 13.70 -9.71 16.50
N LEU A 88 13.45 -10.77 15.75
CA LEU A 88 14.43 -11.84 15.57
C LEU A 88 15.58 -11.31 14.71
N PRO A 89 16.80 -11.28 15.26
CA PRO A 89 17.97 -10.80 14.53
C PRO A 89 18.08 -11.26 13.07
N ALA A 90 17.99 -12.57 12.86
CA ALA A 90 18.11 -13.13 11.52
C ALA A 90 17.04 -12.60 10.58
N PHE A 91 15.84 -12.40 11.10
CA PHE A 91 14.75 -11.90 10.28
C PHE A 91 14.94 -10.42 9.93
N LYS A 92 15.37 -9.62 10.90
CA LYS A 92 15.60 -8.21 10.67
C LYS A 92 16.64 -8.05 9.57
N LYS A 93 17.68 -8.88 9.62
CA LYS A 93 18.73 -8.82 8.61
C LYS A 93 18.20 -9.23 7.24
N ALA A 94 17.40 -10.28 7.20
CA ALA A 94 16.84 -10.73 5.93
C ALA A 94 15.94 -9.64 5.35
N MET A 95 15.19 -8.96 6.23
CA MET A 95 14.30 -7.89 5.78
C MET A 95 15.04 -6.69 5.21
N VAL A 96 16.06 -6.20 5.91
CA VAL A 96 16.78 -5.04 5.38
C VAL A 96 17.47 -5.40 4.06
N ASP A 97 17.90 -6.65 3.93
CA ASP A 97 18.55 -7.08 2.70
C ASP A 97 17.53 -7.11 1.57
N PHE A 98 16.33 -7.58 1.88
CA PHE A 98 15.26 -7.65 0.88
C PHE A 98 14.83 -6.25 0.47
N MET A 99 14.77 -5.32 1.43
CA MET A 99 14.38 -3.94 1.14
C MET A 99 15.43 -3.28 0.24
N ALA A 100 16.68 -3.64 0.45
CA ALA A 100 17.77 -3.09 -0.36
C ALA A 100 17.63 -3.64 -1.78
N GLU A 101 17.41 -4.95 -1.88
CA GLU A 101 17.27 -5.61 -3.18
C GLU A 101 16.12 -5.01 -4.00
N ILE A 102 14.99 -4.78 -3.34
CA ILE A 102 13.85 -4.20 -4.03
C ILE A 102 14.26 -2.87 -4.66
N ARG A 103 15.16 -2.17 -3.97
CA ARG A 103 15.65 -0.87 -4.42
C ARG A 103 16.93 -0.95 -5.26
N GLY A 104 17.17 -2.11 -5.86
CA GLY A 104 18.36 -2.28 -6.69
C GLY A 104 19.65 -2.04 -5.95
N ASN A 105 19.63 -2.23 -4.63
CA ASN A 105 20.78 -2.05 -3.77
C ASN A 105 21.35 -0.63 -3.82
N LYS A 106 20.51 0.31 -4.22
CA LYS A 106 20.90 1.71 -4.30
C LYS A 106 20.89 2.35 -2.92
N VAL A 107 20.28 1.66 -1.96
CA VAL A 107 20.22 2.14 -0.59
C VAL A 107 20.32 0.97 0.37
N THR A 108 20.91 1.21 1.54
CA THR A 108 21.08 0.18 2.55
C THR A 108 20.31 0.59 3.80
N PHE A 109 19.83 -0.41 4.54
CA PHE A 109 19.08 -0.16 5.77
C PHE A 109 19.75 -0.83 6.97
N ASP A 110 19.86 -0.09 8.07
CA ASP A 110 20.45 -0.60 9.31
C ASP A 110 19.36 -1.39 10.03
N PRO A 111 19.58 -2.70 10.26
CA PRO A 111 18.55 -3.47 10.96
C PRO A 111 18.19 -2.93 12.35
N ASN A 112 19.12 -2.23 12.98
CA ASN A 112 18.85 -1.67 14.29
C ASN A 112 17.88 -0.50 14.19
N HIS A 113 17.64 -0.03 12.98
CA HIS A 113 16.72 1.08 12.74
C HIS A 113 15.41 0.62 12.13
N LEU A 114 15.25 -0.70 12.06
CA LEU A 114 14.03 -1.31 11.53
C LEU A 114 13.24 -1.82 12.73
N VAL A 115 11.94 -1.60 12.71
CA VAL A 115 11.08 -2.07 13.80
C VAL A 115 9.94 -2.88 13.19
N LEU A 116 9.82 -4.14 13.59
CA LEU A 116 8.75 -4.99 13.07
C LEU A 116 7.42 -4.71 13.75
N THR A 117 6.35 -4.81 12.98
CA THR A 117 5.00 -4.56 13.48
C THR A 117 4.03 -5.51 12.79
N ALA A 118 2.83 -5.66 13.36
CA ALA A 118 1.82 -6.54 12.78
C ALA A 118 1.18 -5.89 11.56
N GLY A 119 1.92 -5.90 10.44
CA GLY A 119 1.43 -5.31 9.21
C GLY A 119 1.67 -3.81 9.13
N ALA A 120 1.53 -3.25 7.93
CA ALA A 120 1.71 -1.81 7.75
C ALA A 120 0.55 -1.07 8.41
N THR A 121 -0.57 -1.76 8.61
CA THR A 121 -1.72 -1.15 9.28
C THR A 121 -1.24 -0.71 10.65
N SER A 122 -0.51 -1.61 11.32
CA SER A 122 0.03 -1.31 12.65
C SER A 122 1.18 -0.30 12.56
N ALA A 123 2.03 -0.45 11.55
CA ALA A 123 3.16 0.45 11.38
C ALA A 123 2.73 1.91 11.19
N ASN A 124 1.77 2.14 10.32
CA ASN A 124 1.32 3.52 10.10
C ASN A 124 0.71 4.13 11.34
N GLU A 125 -0.13 3.38 12.05
CA GLU A 125 -0.75 3.93 13.26
C GLU A 125 0.33 4.27 14.27
N THR A 126 1.30 3.37 14.43
CA THR A 126 2.37 3.60 15.39
C THR A 126 3.16 4.85 15.04
N PHE A 127 3.42 5.08 13.75
CA PHE A 127 4.17 6.26 13.34
C PHE A 127 3.39 7.52 13.76
N ILE A 128 2.08 7.50 13.56
CA ILE A 128 1.26 8.65 13.93
C ILE A 128 1.33 8.87 15.44
N PHE A 129 1.21 7.79 16.21
CA PHE A 129 1.28 7.91 17.68
C PHE A 129 2.61 8.54 18.08
N CYS A 130 3.67 8.19 17.37
CA CYS A 130 5.00 8.71 17.68
C CYS A 130 5.29 10.15 17.25
N LEU A 131 4.64 10.59 16.18
CA LEU A 131 4.91 11.93 15.66
C LEU A 131 3.85 13.01 15.87
N ALA A 132 2.65 12.61 16.23
CA ALA A 132 1.58 13.58 16.42
C ALA A 132 0.73 13.34 17.65
N ASP A 133 0.28 14.42 18.28
CA ASP A 133 -0.56 14.33 19.46
C ASP A 133 -2.01 14.48 19.04
N PRO A 134 -2.94 14.04 19.88
CA PRO A 134 -4.36 14.17 19.52
C PRO A 134 -4.67 15.63 19.22
N GLY A 135 -5.43 15.87 18.16
CA GLY A 135 -5.78 17.23 17.81
C GLY A 135 -4.87 17.84 16.75
N GLU A 136 -3.76 17.17 16.44
CA GLU A 136 -2.85 17.67 15.42
C GLU A 136 -3.18 17.00 14.09
N ALA A 137 -2.41 17.28 13.05
CA ALA A 137 -2.73 16.70 11.75
C ALA A 137 -1.56 16.28 10.89
N VAL A 138 -1.88 15.47 9.88
CA VAL A 138 -0.91 14.99 8.93
C VAL A 138 -1.52 15.28 7.56
N LEU A 139 -0.70 15.61 6.58
CA LEU A 139 -1.19 15.91 5.24
C LEU A 139 -1.05 14.67 4.37
N ILE A 140 -2.06 14.39 3.56
CA ILE A 140 -2.02 13.21 2.69
C ILE A 140 -2.53 13.50 1.29
N PRO A 141 -1.72 13.19 0.26
CA PRO A 141 -2.14 13.43 -1.12
C PRO A 141 -3.38 12.62 -1.45
N THR A 142 -4.34 13.23 -2.14
CA THR A 142 -5.53 12.50 -2.54
C THR A 142 -5.37 12.25 -4.03
N PRO A 143 -5.90 11.13 -4.54
CA PRO A 143 -6.63 10.12 -3.76
C PRO A 143 -5.67 9.25 -2.95
N TYR A 144 -6.18 8.64 -1.87
CA TYR A 144 -5.34 7.77 -1.04
C TYR A 144 -6.07 6.53 -0.58
N TYR A 145 -5.32 5.62 0.04
CA TYR A 145 -5.85 4.36 0.55
C TYR A 145 -6.96 4.61 1.59
N PRO A 146 -8.19 4.14 1.30
CA PRO A 146 -9.33 4.32 2.22
C PRO A 146 -9.06 3.93 3.66
N GLY A 147 -8.22 2.92 3.87
CA GLY A 147 -7.91 2.48 5.21
C GLY A 147 -7.27 3.52 6.11
N PHE A 148 -6.60 4.50 5.52
CA PHE A 148 -5.95 5.56 6.31
C PHE A 148 -6.92 6.32 7.20
N ASP A 149 -8.17 6.45 6.77
CA ASP A 149 -9.15 7.19 7.57
C ASP A 149 -9.36 6.55 8.94
N ARG A 150 -9.05 5.27 9.06
CA ARG A 150 -9.18 4.57 10.33
C ARG A 150 -7.80 4.44 10.97
N ASP A 151 -6.86 3.90 10.21
CA ASP A 151 -5.50 3.67 10.70
C ASP A 151 -4.81 4.87 11.31
N LEU A 152 -4.89 6.01 10.64
CA LEU A 152 -4.20 7.21 11.10
C LEU A 152 -4.94 8.09 12.08
N LYS A 153 -6.27 7.93 12.16
CA LYS A 153 -7.07 8.80 13.03
C LYS A 153 -7.86 8.22 14.19
N TRP A 154 -8.39 7.02 14.02
CA TRP A 154 -9.26 6.41 15.04
C TRP A 154 -8.81 6.43 16.50
N ARG A 155 -7.68 5.80 16.80
CA ARG A 155 -7.22 5.75 18.18
C ARG A 155 -6.19 6.82 18.52
N THR A 156 -5.71 7.52 17.50
CA THR A 156 -4.68 8.54 17.67
C THR A 156 -5.21 9.94 17.94
N GLY A 157 -6.43 10.20 17.51
CA GLY A 157 -7.01 11.53 17.70
C GLY A 157 -6.42 12.52 16.71
N VAL A 158 -5.68 12.01 15.73
CA VAL A 158 -5.05 12.86 14.72
C VAL A 158 -5.96 13.05 13.51
N GLU A 159 -5.89 14.23 12.89
CA GLU A 159 -6.71 14.52 11.72
C GLU A 159 -5.93 14.45 10.41
N ILE A 160 -6.65 14.22 9.32
CA ILE A 160 -6.05 14.15 8.00
C ILE A 160 -6.47 15.39 7.21
N VAL A 161 -5.50 16.07 6.60
CA VAL A 161 -5.76 17.24 5.77
C VAL A 161 -5.28 16.82 4.40
N PRO A 162 -6.17 16.86 3.40
CA PRO A 162 -5.82 16.46 2.03
C PRO A 162 -4.93 17.39 1.22
N ILE A 163 -4.09 16.79 0.39
CA ILE A 163 -3.21 17.50 -0.52
C ILE A 163 -3.83 17.07 -1.84
N HIS A 164 -4.72 17.90 -2.37
CA HIS A 164 -5.43 17.57 -3.60
C HIS A 164 -4.63 17.47 -4.88
N CYS A 165 -4.77 16.33 -5.55
CA CYS A 165 -4.10 16.06 -6.81
C CYS A 165 -5.19 15.88 -7.86
N THR A 166 -4.95 16.37 -9.06
CA THR A 166 -5.92 16.26 -10.14
C THR A 166 -5.36 15.56 -11.37
N SER A 167 -6.25 15.13 -12.26
CA SER A 167 -5.86 14.43 -13.48
C SER A 167 -5.09 15.31 -14.48
N SER A 168 -5.23 16.62 -14.35
CA SER A 168 -4.57 17.55 -15.26
C SER A 168 -3.09 17.27 -15.47
N ASN A 169 -2.42 16.76 -14.44
CA ASN A 169 -1.01 16.46 -14.55
C ASN A 169 -0.70 15.04 -14.09
N GLY A 170 -1.70 14.17 -14.23
CA GLY A 170 -1.51 12.78 -13.84
C GLY A 170 -1.54 12.53 -12.36
N PHE A 171 -2.30 13.34 -11.63
CA PHE A 171 -2.42 13.20 -10.17
C PHE A 171 -1.09 13.30 -9.43
N GLN A 172 -0.22 14.19 -9.87
CA GLN A 172 1.07 14.38 -9.20
C GLN A 172 0.96 15.51 -8.19
N ILE A 173 1.81 15.46 -7.17
CA ILE A 173 1.82 16.47 -6.12
C ILE A 173 2.48 17.74 -6.65
N THR A 174 1.90 18.89 -6.32
CA THR A 174 2.43 20.18 -6.78
C THR A 174 2.67 21.12 -5.60
N GLU A 175 3.46 22.17 -5.83
CA GLU A 175 3.75 23.14 -4.77
C GLU A 175 2.46 23.80 -4.30
N THR A 176 1.62 24.20 -5.25
CA THR A 176 0.36 24.85 -4.92
C THR A 176 -0.55 23.98 -4.06
N ALA A 177 -0.62 22.68 -4.38
CA ALA A 177 -1.46 21.77 -3.62
C ALA A 177 -0.94 21.62 -2.19
N LEU A 178 0.37 21.64 -2.01
CA LEU A 178 0.97 21.51 -0.69
C LEU A 178 0.65 22.71 0.20
N GLU A 179 0.81 23.91 -0.34
CA GLU A 179 0.54 25.11 0.44
C GLU A 179 -0.95 25.24 0.73
N GLU A 180 -1.79 24.86 -0.24
CA GLU A 180 -3.23 24.93 -0.05
C GLU A 180 -3.66 23.98 1.07
N ALA A 181 -2.95 22.86 1.19
CA ALA A 181 -3.27 21.89 2.23
C ALA A 181 -2.83 22.45 3.57
N TYR A 182 -1.60 22.97 3.61
CA TYR A 182 -1.04 23.53 4.82
C TYR A 182 -1.93 24.69 5.30
N GLN A 183 -2.47 25.45 4.36
CA GLN A 183 -3.33 26.57 4.68
C GLN A 183 -4.70 26.12 5.18
N GLU A 184 -5.20 25.02 4.64
CA GLU A 184 -6.49 24.51 5.08
C GLU A 184 -6.35 24.00 6.51
N ALA A 185 -5.17 23.48 6.82
CA ALA A 185 -4.89 22.97 8.15
C ALA A 185 -5.01 24.13 9.12
N GLU A 186 -4.60 25.31 8.67
CA GLU A 186 -4.66 26.52 9.49
C GLU A 186 -6.12 26.92 9.70
N LYS A 187 -6.89 26.91 8.62
CA LYS A 187 -8.30 27.25 8.69
C LYS A 187 -9.03 26.32 9.65
N ARG A 188 -8.54 25.09 9.77
CA ARG A 188 -9.16 24.11 10.65
C ARG A 188 -8.55 24.16 12.05
N ASN A 189 -7.65 25.13 12.26
CA ASN A 189 -7.00 25.30 13.56
C ASN A 189 -6.19 24.08 13.96
N LEU A 190 -5.57 23.44 12.98
CA LEU A 190 -4.78 22.24 13.22
C LEU A 190 -3.29 22.46 13.03
N ARG A 191 -2.49 21.82 13.87
CA ARG A 191 -1.04 21.94 13.78
C ARG A 191 -0.55 20.75 12.96
N VAL A 192 0.12 21.04 11.84
CA VAL A 192 0.62 19.99 10.96
C VAL A 192 1.93 19.41 11.48
N LYS A 193 2.00 18.08 11.56
CA LYS A 193 3.19 17.42 12.06
C LYS A 193 3.96 16.69 10.98
N GLY A 194 3.32 16.47 9.83
CA GLY A 194 4.01 15.78 8.76
C GLY A 194 3.14 15.47 7.57
N VAL A 195 3.76 14.83 6.58
CA VAL A 195 3.10 14.42 5.35
C VAL A 195 3.30 12.92 5.22
N LEU A 196 2.25 12.20 4.85
CA LEU A 196 2.37 10.77 4.66
C LEU A 196 1.98 10.49 3.23
N VAL A 197 2.91 9.91 2.46
CA VAL A 197 2.65 9.61 1.08
C VAL A 197 2.74 8.10 0.86
N THR A 198 2.21 7.66 -0.27
CA THR A 198 2.26 6.24 -0.61
C THR A 198 3.01 6.19 -1.92
N ASN A 199 4.15 5.51 -1.90
CA ASN A 199 5.04 5.41 -3.07
C ASN A 199 5.61 4.00 -3.22
N PRO A 200 5.17 3.25 -4.26
CA PRO A 200 4.20 3.61 -5.30
C PRO A 200 2.83 3.90 -4.72
N SER A 201 2.04 4.66 -5.46
CA SER A 201 0.72 5.05 -5.00
C SER A 201 -0.45 4.09 -5.08
N ASN A 202 -1.22 4.06 -3.99
CA ASN A 202 -2.47 3.30 -3.92
C ASN A 202 -3.38 4.50 -3.76
N PRO A 203 -4.40 4.66 -4.63
CA PRO A 203 -4.86 3.86 -5.76
C PRO A 203 -4.37 4.17 -7.18
N LEU A 204 -3.49 5.16 -7.34
CA LEU A 204 -3.03 5.54 -8.68
C LEU A 204 -2.30 4.50 -9.51
N GLY A 205 -1.54 3.62 -8.86
CA GLY A 205 -0.80 2.61 -9.59
C GLY A 205 0.43 3.22 -10.25
N THR A 206 0.85 4.37 -9.74
CA THR A 206 2.02 5.07 -10.29
C THR A 206 3.13 5.22 -9.27
N THR A 207 4.36 5.26 -9.76
CA THR A 207 5.53 5.45 -8.90
C THR A 207 5.73 6.95 -8.78
N MET A 208 6.13 7.41 -7.60
CA MET A 208 6.35 8.84 -7.39
C MET A 208 7.54 9.30 -8.23
N THR A 209 7.44 10.50 -8.80
CA THR A 209 8.53 11.04 -9.61
C THR A 209 9.60 11.69 -8.74
N ARG A 210 10.81 11.76 -9.26
CA ARG A 210 11.92 12.38 -8.53
C ARG A 210 11.56 13.81 -8.22
N ASN A 211 10.85 14.44 -9.15
CA ASN A 211 10.40 15.82 -9.01
C ASN A 211 9.52 15.96 -7.77
N GLU A 212 8.53 15.09 -7.65
CA GLU A 212 7.61 15.11 -6.51
C GLU A 212 8.37 14.87 -5.21
N LEU A 213 9.32 13.95 -5.24
CA LEU A 213 10.12 13.64 -4.06
C LEU A 213 10.91 14.84 -3.57
N TYR A 214 11.55 15.56 -4.50
CA TYR A 214 12.32 16.73 -4.13
C TYR A 214 11.39 17.83 -3.61
N LEU A 215 10.20 17.90 -4.20
CA LEU A 215 9.22 18.89 -3.79
C LEU A 215 8.78 18.61 -2.36
N LEU A 216 8.53 17.33 -2.06
CA LEU A 216 8.10 16.94 -0.72
C LEU A 216 9.19 17.21 0.31
N LEU A 217 10.42 16.85 -0.03
CA LEU A 217 11.56 17.05 0.86
C LEU A 217 11.77 18.54 1.13
N SER A 218 11.64 19.35 0.10
CA SER A 218 11.83 20.79 0.25
C SER A 218 10.74 21.35 1.16
N PHE A 219 9.52 20.84 0.96
CA PHE A 219 8.37 21.28 1.75
C PHE A 219 8.51 20.94 3.24
N VAL A 220 8.81 19.69 3.55
CA VAL A 220 8.94 19.30 4.95
C VAL A 220 10.16 19.95 5.60
N GLU A 221 11.12 20.35 4.78
CA GLU A 221 12.30 21.01 5.30
C GLU A 221 11.89 22.42 5.73
N ASP A 222 11.20 23.13 4.84
CA ASP A 222 10.73 24.48 5.14
C ASP A 222 9.78 24.55 6.32
N LYS A 223 8.88 23.57 6.40
CA LYS A 223 7.89 23.53 7.47
C LYS A 223 8.39 22.90 8.77
N GLY A 224 9.54 22.23 8.71
CA GLY A 224 10.09 21.59 9.90
C GLY A 224 9.25 20.41 10.35
N ILE A 225 8.66 19.70 9.40
CA ILE A 225 7.83 18.55 9.71
C ILE A 225 8.38 17.25 9.17
N HIS A 226 7.67 16.15 9.42
CA HIS A 226 8.10 14.84 8.98
C HIS A 226 7.51 14.37 7.65
N LEU A 227 8.22 13.44 7.02
CA LEU A 227 7.76 12.85 5.77
C LEU A 227 7.78 11.34 5.97
N ILE A 228 6.61 10.72 5.87
CA ILE A 228 6.49 9.28 6.02
C ILE A 228 6.10 8.72 4.67
N SER A 229 6.88 7.75 4.18
CA SER A 229 6.61 7.15 2.88
C SER A 229 6.21 5.70 3.05
N ASP A 230 4.94 5.40 2.77
CA ASP A 230 4.42 4.05 2.84
C ASP A 230 4.80 3.41 1.51
N GLU A 231 5.83 2.58 1.53
CA GLU A 231 6.33 1.95 0.32
C GLU A 231 5.99 0.46 0.26
N ILE A 232 4.80 0.12 0.74
CA ILE A 232 4.35 -1.27 0.75
C ILE A 232 4.28 -1.84 -0.68
N TYR A 233 4.14 -0.98 -1.68
CA TYR A 233 4.06 -1.45 -3.07
C TYR A 233 5.40 -1.35 -3.80
N SER A 234 6.47 -1.03 -3.07
CA SER A 234 7.79 -0.87 -3.66
C SER A 234 8.27 -2.02 -4.54
N GLY A 235 7.91 -3.25 -4.20
CA GLY A 235 8.35 -4.39 -4.97
C GLY A 235 7.45 -4.73 -6.15
N THR A 236 6.42 -3.92 -6.35
CA THR A 236 5.47 -4.17 -7.43
C THR A 236 5.58 -3.21 -8.61
N ALA A 237 6.72 -2.56 -8.77
CA ALA A 237 6.93 -1.64 -9.89
C ALA A 237 7.35 -2.53 -11.08
N PHE A 238 6.43 -2.72 -12.02
CA PHE A 238 6.67 -3.60 -13.17
C PHE A 238 6.93 -2.96 -14.53
N SER A 239 6.90 -1.63 -14.60
CA SER A 239 7.15 -0.95 -15.86
C SER A 239 7.73 0.43 -15.61
N SER A 240 8.33 1.03 -16.64
CA SER A 240 8.90 2.36 -16.50
C SER A 240 7.77 3.33 -16.23
N PRO A 241 8.07 4.45 -15.54
CA PRO A 241 9.39 4.83 -15.02
C PRO A 241 9.81 4.02 -13.81
N SER A 242 11.06 4.21 -13.39
CA SER A 242 11.59 3.49 -12.24
C SER A 242 11.08 3.99 -10.90
N PHE A 243 10.91 3.05 -9.97
CA PHE A 243 10.49 3.36 -8.61
C PHE A 243 11.69 4.03 -7.95
N ILE A 244 11.44 5.07 -7.17
CA ILE A 244 12.50 5.78 -6.47
C ILE A 244 12.09 5.88 -5.01
N SER A 245 12.79 5.18 -4.14
CA SER A 245 12.47 5.22 -2.72
C SER A 245 12.83 6.60 -2.18
N VAL A 246 12.07 7.06 -1.19
CA VAL A 246 12.36 8.37 -0.61
C VAL A 246 13.76 8.36 -0.02
N MET A 247 14.23 7.18 0.36
CA MET A 247 15.55 7.05 0.95
C MET A 247 16.68 7.20 -0.07
N GLU A 248 16.37 7.01 -1.35
CA GLU A 248 17.40 7.15 -2.38
C GLU A 248 17.68 8.63 -2.64
N VAL A 249 16.63 9.43 -2.67
CA VAL A 249 16.75 10.85 -2.91
C VAL A 249 17.57 11.52 -1.81
N LEU A 250 17.59 10.92 -0.63
CA LEU A 250 18.34 11.44 0.50
C LEU A 250 19.82 11.09 0.39
N LYS A 251 20.13 10.09 -0.44
CA LYS A 251 21.50 9.65 -0.64
C LYS A 251 22.41 10.80 -1.03
N ASP A 252 22.42 11.14 -2.32
CA ASP A 252 23.25 12.23 -2.81
C ASP A 252 22.48 13.52 -2.92
N ARG A 253 22.65 14.39 -1.93
CA ARG A 253 21.98 15.69 -1.89
C ARG A 253 22.56 16.49 -0.73
N ASN A 254 23.73 16.06 -0.27
CA ASN A 254 24.41 16.71 0.85
C ASN A 254 23.50 16.69 2.07
N CYS A 255 22.99 15.50 2.39
CA CYS A 255 22.09 15.35 3.54
C CYS A 255 22.37 14.04 4.29
N ASP A 256 23.38 13.30 3.83
CA ASP A 256 23.75 12.04 4.45
C ASP A 256 24.02 12.31 5.93
N GLU A 257 24.93 13.25 6.18
CA GLU A 257 25.29 13.64 7.53
C GLU A 257 25.12 15.16 7.66
N ASN A 258 24.61 15.77 6.59
CA ASN A 258 24.39 17.21 6.57
C ASN A 258 22.87 17.49 6.66
N SER A 259 22.52 18.74 6.94
CA SER A 259 21.11 19.12 7.07
C SER A 259 20.49 18.35 8.23
N GLU A 260 19.19 18.55 8.45
CA GLU A 260 18.49 17.86 9.52
C GLU A 260 17.20 17.19 9.05
N VAL A 261 16.84 17.44 7.80
CA VAL A 261 15.62 16.86 7.24
C VAL A 261 15.72 15.34 7.13
N TRP A 262 16.94 14.83 6.95
CA TRP A 262 17.13 13.39 6.83
C TRP A 262 16.62 12.65 8.07
N GLN A 263 16.68 13.33 9.22
CA GLN A 263 16.21 12.76 10.48
C GLN A 263 14.69 12.70 10.56
N ARG A 264 14.02 13.41 9.66
CA ARG A 264 12.56 13.46 9.64
C ARG A 264 11.92 12.72 8.46
N VAL A 265 12.68 11.84 7.81
CA VAL A 265 12.15 11.06 6.69
C VAL A 265 12.08 9.61 7.14
N HIS A 266 10.90 9.01 7.01
CA HIS A 266 10.68 7.65 7.47
C HIS A 266 10.02 6.77 6.42
N VAL A 267 10.12 5.46 6.60
CA VAL A 267 9.53 4.51 5.66
C VAL A 267 8.71 3.43 6.36
N VAL A 268 7.60 3.06 5.71
CA VAL A 268 6.73 1.99 6.19
C VAL A 268 6.75 0.91 5.10
N TYR A 269 6.82 -0.35 5.50
CA TYR A 269 6.86 -1.45 4.53
C TYR A 269 6.07 -2.63 5.10
N SER A 270 5.81 -3.63 4.27
CA SER A 270 5.06 -4.80 4.69
C SER A 270 5.23 -5.87 3.63
N LEU A 271 5.00 -7.13 3.99
CA LEU A 271 5.12 -8.23 3.02
C LEU A 271 3.76 -8.64 2.50
N SER A 272 2.75 -7.83 2.79
CA SER A 272 1.39 -8.16 2.37
C SER A 272 1.10 -8.15 0.88
N LYS A 273 1.69 -7.19 0.19
CA LYS A 273 1.42 -7.01 -1.23
C LYS A 273 2.37 -7.61 -2.24
N ASP A 274 3.67 -7.52 -2.00
CA ASP A 274 4.60 -8.10 -2.97
C ASP A 274 4.65 -9.62 -2.86
N LEU A 275 4.83 -10.12 -1.64
CA LEU A 275 4.89 -11.56 -1.42
C LEU A 275 3.51 -12.19 -1.24
N GLY A 276 2.48 -11.35 -1.12
CA GLY A 276 1.12 -11.84 -0.94
C GLY A 276 0.89 -12.56 0.37
N LEU A 277 1.51 -12.06 1.44
CA LEU A 277 1.38 -12.68 2.76
C LEU A 277 0.66 -11.80 3.79
N PRO A 278 -0.48 -11.19 3.42
CA PRO A 278 -1.17 -10.34 4.40
C PRO A 278 -1.59 -11.04 5.68
N GLY A 279 -1.91 -12.32 5.59
CA GLY A 279 -2.34 -13.05 6.78
C GLY A 279 -1.26 -13.24 7.83
N PHE A 280 0.00 -13.14 7.42
CA PHE A 280 1.12 -13.33 8.35
C PHE A 280 1.45 -12.09 9.16
N ARG A 281 0.87 -10.95 8.78
CA ARG A 281 1.05 -9.69 9.48
C ARG A 281 2.51 -9.25 9.68
N VAL A 282 3.25 -9.12 8.58
CA VAL A 282 4.63 -8.68 8.69
C VAL A 282 4.76 -7.25 8.16
N GLY A 283 4.91 -6.32 9.09
CA GLY A 283 5.04 -4.92 8.71
C GLY A 283 6.33 -4.39 9.28
N ALA A 284 6.72 -3.19 8.87
CA ALA A 284 7.96 -2.63 9.36
C ALA A 284 8.02 -1.12 9.28
N ILE A 285 8.70 -0.56 10.27
CA ILE A 285 8.91 0.87 10.37
C ILE A 285 10.42 1.06 10.22
N TYR A 286 10.83 2.05 9.45
CA TYR A 286 12.27 2.32 9.33
C TYR A 286 12.46 3.82 9.55
N SER A 287 13.38 4.18 10.42
CA SER A 287 13.63 5.59 10.70
C SER A 287 15.10 5.84 10.99
N ASN A 288 15.58 7.01 10.60
CA ASN A 288 16.97 7.39 10.83
C ASN A 288 17.10 8.03 12.23
N ASP A 289 15.97 8.39 12.82
CA ASP A 289 15.93 9.01 14.15
C ASP A 289 15.94 7.98 15.26
N ASP A 290 17.01 7.95 16.05
CA ASP A 290 17.12 6.98 17.15
C ASP A 290 15.94 7.00 18.11
N MET A 291 15.42 8.18 18.41
CA MET A 291 14.31 8.31 19.34
C MET A 291 13.01 7.73 18.79
N VAL A 292 12.80 7.89 17.48
CA VAL A 292 11.60 7.34 16.86
C VAL A 292 11.68 5.82 16.90
N VAL A 293 12.85 5.30 16.58
CA VAL A 293 13.06 3.86 16.59
C VAL A 293 12.80 3.30 17.99
N ALA A 294 13.34 3.95 19.00
CA ALA A 294 13.16 3.51 20.39
C ALA A 294 11.69 3.52 20.78
N ALA A 295 11.00 4.61 20.46
CA ALA A 295 9.58 4.73 20.79
C ALA A 295 8.74 3.71 20.04
N ALA A 296 9.00 3.55 18.75
CA ALA A 296 8.26 2.60 17.93
C ALA A 296 8.53 1.16 18.39
N THR A 297 9.75 0.90 18.84
CA THR A 297 10.11 -0.43 19.33
C THR A 297 9.25 -0.78 20.54
N LYS A 298 9.17 0.15 21.48
CA LYS A 298 8.37 -0.08 22.68
C LYS A 298 6.90 -0.23 22.31
N MET A 299 6.46 0.55 21.31
CA MET A 299 5.07 0.47 20.87
C MET A 299 4.75 -0.82 20.14
N SER A 300 5.76 -1.46 19.55
CA SER A 300 5.50 -2.70 18.81
C SER A 300 5.02 -3.79 19.74
N SER A 301 5.20 -3.59 21.05
CA SER A 301 4.75 -4.57 22.04
C SER A 301 3.26 -4.91 21.85
N PHE A 302 2.50 -3.95 21.34
CA PHE A 302 1.06 -4.14 21.16
C PHE A 302 0.72 -4.86 19.85
N GLY A 303 1.72 -5.09 19.02
CA GLY A 303 1.49 -5.75 17.75
C GLY A 303 2.76 -6.38 17.20
N LEU A 304 3.31 -7.31 17.97
CA LEU A 304 4.52 -8.01 17.56
C LEU A 304 4.21 -9.04 16.50
N VAL A 305 5.22 -9.39 15.72
CA VAL A 305 5.07 -10.41 14.68
C VAL A 305 5.35 -11.76 15.31
N SER A 306 4.53 -12.76 14.99
CA SER A 306 4.72 -14.10 15.54
C SER A 306 6.13 -14.61 15.26
N SER A 307 6.77 -15.17 16.27
CA SER A 307 8.13 -15.67 16.09
C SER A 307 8.16 -16.84 15.11
N GLN A 308 7.06 -17.58 15.05
CA GLN A 308 6.96 -18.70 14.12
C GLN A 308 7.11 -18.17 12.71
N THR A 309 6.42 -17.05 12.44
CA THR A 309 6.43 -16.41 11.13
C THR A 309 7.77 -15.74 10.86
N GLN A 310 8.34 -15.10 11.88
CA GLN A 310 9.62 -14.46 11.72
C GLN A 310 10.68 -15.47 11.30
N HIS A 311 10.65 -16.64 11.92
CA HIS A 311 11.62 -17.68 11.60
C HIS A 311 11.46 -18.18 10.18
N LEU A 312 10.23 -18.51 9.80
CA LEU A 312 9.95 -19.00 8.47
C LEU A 312 10.43 -18.03 7.39
N LEU A 313 10.04 -16.78 7.52
CA LEU A 313 10.42 -15.79 6.52
C LEU A 313 11.89 -15.39 6.58
N SER A 314 12.54 -15.59 7.72
CA SER A 314 13.95 -15.27 7.82
C SER A 314 14.68 -16.24 6.90
N ALA A 315 14.23 -17.50 6.90
CA ALA A 315 14.83 -18.53 6.05
C ALA A 315 14.52 -18.26 4.59
N MET A 316 13.25 -17.93 4.33
CA MET A 316 12.80 -17.65 2.97
C MET A 316 13.53 -16.47 2.35
N LEU A 317 13.51 -15.33 3.05
CA LEU A 317 14.15 -14.14 2.53
C LEU A 317 15.67 -14.17 2.54
N SER A 318 16.26 -15.15 3.22
CA SER A 318 17.71 -15.27 3.27
C SER A 318 18.22 -15.99 2.03
N ASP A 319 17.30 -16.62 1.30
CA ASP A 319 17.65 -17.34 0.08
C ASP A 319 17.69 -16.33 -1.06
N LYS A 320 18.89 -15.90 -1.42
CA LYS A 320 19.07 -14.91 -2.47
C LYS A 320 18.59 -15.36 -3.85
N LYS A 321 18.57 -16.67 -4.10
CA LYS A 321 18.10 -17.15 -5.38
C LYS A 321 16.58 -16.98 -5.41
N LEU A 322 15.93 -17.22 -4.28
CA LEU A 322 14.48 -17.08 -4.21
C LEU A 322 14.05 -15.63 -4.36
N THR A 323 14.65 -14.73 -3.58
CA THR A 323 14.26 -13.34 -3.65
C THR A 323 14.46 -12.75 -5.04
N LYS A 324 15.59 -13.07 -5.67
CA LYS A 324 15.88 -12.57 -7.00
C LYS A 324 14.85 -13.09 -8.00
N ASN A 325 14.60 -14.40 -8.01
CA ASN A 325 13.64 -14.96 -8.94
C ASN A 325 12.23 -14.50 -8.63
N TYR A 326 11.90 -14.33 -7.36
CA TYR A 326 10.55 -13.91 -7.02
C TYR A 326 10.25 -12.50 -7.52
N ILE A 327 11.13 -11.56 -7.24
CA ILE A 327 10.92 -10.19 -7.69
C ILE A 327 10.78 -10.13 -9.21
N ALA A 328 11.67 -10.84 -9.91
CA ALA A 328 11.65 -10.88 -11.37
C ALA A 328 10.34 -11.44 -11.93
N GLU A 329 9.92 -12.58 -11.39
CA GLU A 329 8.69 -13.23 -11.84
C GLU A 329 7.46 -12.44 -11.43
N ASN A 330 7.50 -11.86 -10.23
CA ASN A 330 6.37 -11.07 -9.76
C ASN A 330 6.18 -9.88 -10.71
N HIS A 331 7.29 -9.25 -11.10
CA HIS A 331 7.22 -8.12 -12.03
C HIS A 331 6.63 -8.57 -13.35
N LYS A 332 7.11 -9.71 -13.83
CA LYS A 332 6.65 -10.26 -15.10
C LYS A 332 5.14 -10.53 -15.08
N ARG A 333 4.70 -11.29 -14.09
CA ARG A 333 3.27 -11.62 -13.98
C ARG A 333 2.39 -10.41 -13.71
N LEU A 334 2.88 -9.47 -12.91
CA LEU A 334 2.11 -8.27 -12.62
C LEU A 334 1.91 -7.45 -13.89
N LYS A 335 2.98 -7.28 -14.66
CA LYS A 335 2.90 -6.52 -15.89
C LYS A 335 1.92 -7.16 -16.86
N GLN A 336 2.00 -8.47 -16.99
CA GLN A 336 1.11 -9.19 -17.91
C GLN A 336 -0.35 -9.03 -17.50
N ARG A 337 -0.62 -9.11 -16.20
CA ARG A 337 -1.99 -8.98 -15.70
C ARG A 337 -2.52 -7.56 -15.86
N GLN A 338 -1.69 -6.57 -15.58
CA GLN A 338 -2.11 -5.18 -15.72
C GLN A 338 -2.43 -4.90 -17.18
N LYS A 339 -1.61 -5.42 -18.08
CA LYS A 339 -1.84 -5.20 -19.52
C LYS A 339 -3.16 -5.81 -19.93
N LYS A 340 -3.51 -6.96 -19.35
CA LYS A 340 -4.76 -7.62 -19.67
C LYS A 340 -5.95 -6.77 -19.23
N LEU A 341 -5.84 -6.14 -18.06
CA LEU A 341 -6.93 -5.29 -17.57
C LEU A 341 -7.04 -4.05 -18.45
N VAL A 342 -5.91 -3.43 -18.75
CA VAL A 342 -5.90 -2.24 -19.58
C VAL A 342 -6.48 -2.55 -20.96
N SER A 343 -6.04 -3.67 -21.53
CA SER A 343 -6.53 -4.10 -22.84
C SER A 343 -8.02 -4.39 -22.79
N GLY A 344 -8.46 -5.05 -21.71
CA GLY A 344 -9.86 -5.39 -21.57
C GLY A 344 -10.75 -4.16 -21.41
N LEU A 345 -10.25 -3.17 -20.70
CA LEU A 345 -11.00 -1.94 -20.48
C LEU A 345 -11.06 -1.11 -21.76
N GLN A 346 -9.99 -1.16 -22.55
CA GLN A 346 -9.93 -0.41 -23.80
C GLN A 346 -11.02 -0.87 -24.77
N LYS A 347 -11.32 -2.16 -24.74
CA LYS A 347 -12.34 -2.71 -25.62
C LYS A 347 -13.74 -2.19 -25.28
N SER A 348 -13.87 -1.56 -24.12
CA SER A 348 -15.13 -0.97 -23.69
C SER A 348 -15.02 0.54 -23.78
N GLY A 349 -13.95 1.00 -24.43
CA GLY A 349 -13.73 2.43 -24.58
C GLY A 349 -13.33 3.10 -23.29
N ILE A 350 -12.82 2.32 -22.34
CA ILE A 350 -12.41 2.86 -21.05
C ILE A 350 -10.89 2.89 -20.92
N SER A 351 -10.36 4.06 -20.57
CA SER A 351 -8.92 4.24 -20.41
C SER A 351 -8.55 4.30 -18.94
N CYS A 352 -7.25 4.10 -18.67
CA CYS A 352 -6.71 4.13 -17.32
C CYS A 352 -5.58 5.14 -17.24
N LEU A 353 -5.32 5.61 -16.03
CA LEU A 353 -4.22 6.53 -15.81
C LEU A 353 -3.01 5.64 -16.10
N ASN A 354 -2.09 6.13 -16.92
CA ASN A 354 -0.90 5.35 -17.27
C ASN A 354 -0.12 5.00 -16.01
N GLY A 355 -0.24 3.75 -15.56
CA GLY A 355 0.45 3.32 -14.35
C GLY A 355 1.55 2.31 -14.63
N ASN A 356 2.33 1.99 -13.60
CA ASN A 356 3.45 1.07 -13.76
C ASN A 356 3.74 0.28 -12.50
N ALA A 357 2.84 0.35 -11.51
CA ALA A 357 3.08 -0.35 -10.27
C ALA A 357 1.78 -0.66 -9.52
N GLY A 358 1.91 -1.40 -8.41
CA GLY A 358 0.73 -1.73 -7.63
C GLY A 358 0.00 -2.98 -8.09
N LEU A 359 -1.19 -3.18 -7.54
CA LEU A 359 -2.01 -4.35 -7.83
C LEU A 359 -3.36 -3.88 -8.35
N PHE A 360 -3.38 -2.67 -8.91
CA PHE A 360 -4.63 -2.08 -9.38
C PHE A 360 -4.37 -1.01 -10.42
N CYS A 361 -5.44 -0.62 -11.10
CA CYS A 361 -5.36 0.45 -12.10
C CYS A 361 -6.34 1.51 -11.63
N TRP A 362 -6.04 2.76 -11.96
CA TRP A 362 -6.89 3.90 -11.62
C TRP A 362 -7.63 4.12 -12.94
N VAL A 363 -8.90 3.76 -12.97
CA VAL A 363 -9.72 3.82 -14.18
C VAL A 363 -10.57 5.07 -14.39
N ASP A 364 -10.53 5.60 -15.61
CA ASP A 364 -11.27 6.81 -15.98
C ASP A 364 -12.64 6.48 -16.57
N MET A 365 -13.69 6.67 -15.77
CA MET A 365 -15.05 6.40 -16.22
C MET A 365 -15.89 7.68 -16.19
N ARG A 366 -15.21 8.82 -16.27
CA ARG A 366 -15.90 10.11 -16.24
C ARG A 366 -16.93 10.22 -17.37
N HIS A 367 -16.58 9.71 -18.55
CA HIS A 367 -17.48 9.79 -19.69
C HIS A 367 -18.72 8.91 -19.54
N LEU A 368 -18.77 8.10 -18.49
CA LEU A 368 -19.91 7.23 -18.26
C LEU A 368 -20.82 7.78 -17.16
N LEU A 369 -20.48 8.96 -16.65
CA LEU A 369 -21.27 9.58 -15.59
C LEU A 369 -22.45 10.35 -16.19
N ARG A 370 -23.55 10.40 -15.44
CA ARG A 370 -24.74 11.13 -15.88
C ARG A 370 -24.35 12.61 -15.92
N SER A 371 -23.56 13.00 -14.93
CA SER A 371 -23.08 14.37 -14.81
C SER A 371 -21.78 14.39 -14.01
N ASN A 372 -21.08 15.51 -14.04
CA ASN A 372 -19.82 15.64 -13.32
C ASN A 372 -20.05 15.89 -11.83
N THR A 373 -20.60 14.90 -11.15
CA THR A 373 -20.88 15.01 -9.72
C THR A 373 -20.58 13.69 -9.04
N PHE A 374 -20.35 13.72 -7.73
CA PHE A 374 -20.08 12.50 -7.00
C PHE A 374 -21.36 11.69 -6.84
N GLU A 375 -22.50 12.37 -6.97
CA GLU A 375 -23.79 11.71 -6.87
C GLU A 375 -23.91 10.81 -8.09
N ALA A 376 -23.44 11.30 -9.23
CA ALA A 376 -23.49 10.53 -10.46
C ALA A 376 -22.48 9.38 -10.36
N GLU A 377 -21.37 9.61 -9.67
CA GLU A 377 -20.36 8.58 -9.50
C GLU A 377 -20.95 7.40 -8.72
N MET A 378 -21.66 7.70 -7.64
CA MET A 378 -22.26 6.67 -6.83
C MET A 378 -23.33 5.90 -7.60
N GLU A 379 -24.03 6.58 -8.49
CA GLU A 379 -25.05 5.93 -9.30
C GLU A 379 -24.39 4.88 -10.18
N LEU A 380 -23.33 5.28 -10.87
CA LEU A 380 -22.60 4.38 -11.75
C LEU A 380 -22.04 3.21 -10.94
N TRP A 381 -21.42 3.52 -9.81
CA TRP A 381 -20.86 2.47 -8.97
C TRP A 381 -21.89 1.42 -8.59
N LYS A 382 -23.05 1.85 -8.10
CA LYS A 382 -24.11 0.92 -7.71
C LYS A 382 -24.59 0.08 -8.89
N LYS A 383 -24.63 0.69 -10.07
CA LYS A 383 -25.08 -0.01 -11.26
C LYS A 383 -24.09 -1.11 -11.63
N ILE A 384 -22.80 -0.83 -11.46
CA ILE A 384 -21.77 -1.80 -11.77
C ILE A 384 -21.80 -2.96 -10.78
N VAL A 385 -22.21 -2.67 -9.55
CA VAL A 385 -22.29 -3.69 -8.52
C VAL A 385 -23.51 -4.59 -8.68
N TYR A 386 -24.67 -4.00 -8.87
CA TYR A 386 -25.91 -4.78 -9.00
C TYR A 386 -26.23 -5.29 -10.40
N GLU A 387 -25.92 -4.52 -11.43
CA GLU A 387 -26.22 -4.94 -12.79
C GLU A 387 -25.06 -5.71 -13.43
N VAL A 388 -23.84 -5.26 -13.21
CA VAL A 388 -22.68 -5.93 -13.79
C VAL A 388 -22.12 -6.97 -12.83
N HIS A 389 -22.51 -6.86 -11.56
CA HIS A 389 -22.04 -7.79 -10.53
C HIS A 389 -20.53 -7.77 -10.40
N LEU A 390 -19.97 -6.57 -10.36
CA LEU A 390 -18.52 -6.41 -10.20
C LEU A 390 -18.25 -5.45 -9.06
N ASN A 391 -17.32 -5.79 -8.19
CA ASN A 391 -16.98 -4.89 -7.10
C ASN A 391 -15.68 -4.18 -7.39
N ILE A 392 -15.77 -2.86 -7.57
CA ILE A 392 -14.62 -2.01 -7.80
C ILE A 392 -14.82 -0.84 -6.84
N SER A 393 -13.79 -0.03 -6.64
CA SER A 393 -13.92 1.08 -5.70
C SER A 393 -14.09 2.44 -6.35
N PRO A 394 -15.13 3.18 -5.93
CA PRO A 394 -15.38 4.51 -6.49
C PRO A 394 -14.35 5.50 -5.96
N GLY A 395 -13.90 6.40 -6.82
CA GLY A 395 -12.89 7.37 -6.44
C GLY A 395 -13.18 8.16 -5.17
N SER A 396 -14.45 8.45 -4.91
CA SER A 396 -14.80 9.19 -3.71
C SER A 396 -14.38 8.46 -2.43
N SER A 397 -14.33 7.13 -2.49
CA SER A 397 -13.93 6.35 -1.31
C SER A 397 -12.46 6.62 -1.03
N CYS A 398 -11.74 7.05 -2.06
CA CYS A 398 -10.32 7.36 -1.94
C CYS A 398 -10.10 8.86 -1.84
N HIS A 399 -11.19 9.60 -1.68
CA HIS A 399 -11.14 11.05 -1.54
C HIS A 399 -10.64 11.80 -2.78
N CYS A 400 -10.91 11.26 -3.96
CA CYS A 400 -10.50 11.91 -5.19
C CYS A 400 -11.42 13.12 -5.38
N THR A 401 -10.85 14.27 -5.73
CA THR A 401 -11.67 15.47 -5.91
C THR A 401 -12.46 15.46 -7.20
N GLU A 402 -12.07 14.60 -8.14
CA GLU A 402 -12.74 14.48 -9.44
C GLU A 402 -13.66 13.27 -9.51
N PRO A 403 -14.95 13.49 -9.76
CA PRO A 403 -15.89 12.37 -9.86
C PRO A 403 -15.58 11.53 -11.10
N GLY A 404 -15.86 10.23 -11.04
CA GLY A 404 -15.64 9.41 -12.22
C GLY A 404 -14.48 8.44 -12.27
N TRP A 405 -13.58 8.50 -11.29
CA TRP A 405 -12.44 7.58 -11.27
C TRP A 405 -12.74 6.39 -10.37
N PHE A 406 -12.22 5.23 -10.74
CA PHE A 406 -12.43 4.00 -9.97
C PHE A 406 -11.15 3.20 -9.85
N ARG A 407 -10.98 2.52 -8.71
CA ARG A 407 -9.80 1.69 -8.54
C ARG A 407 -10.27 0.27 -8.86
N VAL A 408 -9.55 -0.40 -9.74
CA VAL A 408 -9.87 -1.76 -10.15
C VAL A 408 -8.66 -2.63 -9.89
N CYS A 409 -8.81 -3.62 -8.99
CA CYS A 409 -7.71 -4.52 -8.64
C CYS A 409 -7.67 -5.71 -9.58
N PHE A 410 -6.48 -6.02 -10.09
CA PHE A 410 -6.32 -7.09 -11.07
C PHE A 410 -5.58 -8.35 -10.68
N ALA A 411 -5.00 -8.39 -9.48
CA ALA A 411 -4.21 -9.55 -9.09
C ALA A 411 -4.80 -10.46 -8.02
N ASN A 412 -6.05 -10.21 -7.64
CA ASN A 412 -6.69 -10.98 -6.59
C ASN A 412 -7.78 -11.91 -7.13
N LEU A 413 -7.51 -12.53 -8.27
CA LEU A 413 -8.44 -13.46 -8.92
C LEU A 413 -7.76 -14.11 -10.11
N PRO A 414 -8.34 -15.20 -10.64
CA PRO A 414 -7.76 -15.91 -11.79
C PRO A 414 -7.89 -15.05 -13.05
N GLU A 415 -6.97 -15.25 -13.99
CA GLU A 415 -7.00 -14.48 -15.23
C GLU A 415 -8.34 -14.65 -15.95
N ARG A 416 -8.85 -15.88 -15.97
CA ARG A 416 -10.12 -16.16 -16.63
C ARG A 416 -11.28 -15.41 -16.01
N THR A 417 -11.24 -15.21 -14.70
CA THR A 417 -12.30 -14.49 -14.01
C THR A 417 -12.19 -13.01 -14.37
N LEU A 418 -10.97 -12.55 -14.59
CA LEU A 418 -10.74 -11.16 -14.99
C LEU A 418 -11.36 -10.94 -16.37
N ASP A 419 -11.12 -11.90 -17.27
CA ASP A 419 -11.67 -11.80 -18.61
C ASP A 419 -13.19 -11.81 -18.56
N LEU A 420 -13.75 -12.64 -17.70
CA LEU A 420 -15.20 -12.71 -17.55
C LEU A 420 -15.71 -11.34 -17.11
N ALA A 421 -15.00 -10.72 -16.17
CA ALA A 421 -15.38 -9.40 -15.67
C ALA A 421 -15.36 -8.38 -16.80
N MET A 422 -14.36 -8.48 -17.66
CA MET A 422 -14.23 -7.56 -18.78
C MET A 422 -15.35 -7.77 -19.80
N GLN A 423 -15.77 -9.03 -19.96
CA GLN A 423 -16.83 -9.35 -20.89
C GLN A 423 -18.14 -8.75 -20.40
N ARG A 424 -18.43 -8.97 -19.12
CA ARG A 424 -19.66 -8.45 -18.52
C ARG A 424 -19.70 -6.93 -18.52
N LEU A 425 -18.53 -6.30 -18.43
CA LEU A 425 -18.46 -4.85 -18.43
C LEU A 425 -18.75 -4.28 -19.81
N LYS A 426 -18.25 -4.94 -20.85
CA LYS A 426 -18.47 -4.47 -22.21
C LYS A 426 -19.94 -4.57 -22.59
N ALA A 427 -20.59 -5.63 -22.12
CA ALA A 427 -22.01 -5.84 -22.40
C ALA A 427 -22.79 -4.70 -21.75
N PHE A 428 -22.32 -4.27 -20.59
CA PHE A 428 -22.94 -3.19 -19.83
C PHE A 428 -22.87 -1.86 -20.58
N VAL A 429 -21.67 -1.47 -20.99
CA VAL A 429 -21.49 -0.21 -21.68
C VAL A 429 -22.17 -0.21 -23.06
N GLY A 430 -22.17 -1.36 -23.72
CA GLY A 430 -22.79 -1.44 -25.02
C GLY A 430 -24.31 -1.49 -24.92
N GLU A 431 -24.81 -1.62 -23.71
CA GLU A 431 -26.25 -1.70 -23.46
C GLU A 431 -26.88 -0.35 -23.17
N TYR A 432 -26.22 0.47 -22.36
CA TYR A 432 -26.76 1.78 -22.00
C TYR A 432 -26.15 2.96 -22.73
N TYR A 433 -24.83 2.94 -22.92
CA TYR A 433 -24.16 4.04 -23.61
C TYR A 433 -23.94 3.74 -25.09
#